data_3IHU
#
_entry.id   3IHU
#
_cell.length_a   54.646
_cell.length_b   79.135
_cell.length_c   103.244
_cell.angle_alpha   90.000
_cell.angle_beta   102.080
_cell.angle_gamma   90.000
#
_symmetry.space_group_name_H-M   'C 1 2 1'
#
loop_
_entity.id
_entity.type
_entity.pdbx_description
1 polymer 'Transcriptional regulator, GntR family'
2 non-polymer 'CHLORIDE ION'
3 non-polymer GLYCEROL
4 water water
#
_entity_poly.entity_id   1
_entity_poly.type   'polypeptide(L)'
_entity_poly.pdbx_seq_one_letter_code
;G(MSE)PIDTPTDASPADGSASDTVFFGI(MSE)SGLELGTFVPGQRLVETDLVAHFGVGRNSVREALQRLAAEGIVDLQ
RHRGAVIRRLSLQETLDVLDVAER(MSE)TGLLARAATRGSGNQPQVQALRASVQALVAAEKAQDGETFSNARRHFYRTL
LE(MSE)GDNRELRRLFPTIH(MSE)PIVHAQHRLASLRQ(MSE)RLDDYRRIATAVLAGEPDAAEAAGAAHVKNVRGAI
LDRQPA
;
_entity_poly.pdbx_strand_id   A,B
#
# COMPACT_ATOMS: atom_id res chain seq x y z
N SER A 16 13.88 3.44 -16.17
CA SER A 16 14.86 4.51 -15.76
C SER A 16 16.13 3.88 -15.14
N ALA A 17 17.23 4.63 -15.18
CA ALA A 17 18.48 4.16 -14.57
C ALA A 17 18.29 3.84 -13.07
N SER A 18 17.44 4.64 -12.41
CA SER A 18 17.12 4.46 -10.97
C SER A 18 16.44 3.15 -10.69
N ASP A 19 15.53 2.78 -11.59
CA ASP A 19 14.83 1.51 -11.52
C ASP A 19 15.77 0.30 -11.50
N THR A 20 16.87 0.37 -12.24
CA THR A 20 17.76 -0.78 -12.34
C THR A 20 18.44 -1.05 -11.01
N VAL A 21 18.75 -0.02 -10.25
CA VAL A 21 19.24 -0.20 -8.87
C VAL A 21 18.12 -0.59 -7.89
N PHE A 22 16.99 0.06 -8.02
CA PHE A 22 15.85 -0.22 -7.13
C PHE A 22 15.42 -1.68 -7.24
N PHE A 23 15.19 -2.13 -8.47
CA PHE A 23 14.79 -3.51 -8.68
C PHE A 23 15.93 -4.50 -8.56
N GLY A 24 17.15 -4.08 -8.93
CA GLY A 24 18.33 -4.89 -8.77
C GLY A 24 18.64 -5.29 -7.34
N ILE A 25 18.44 -4.37 -6.38
CA ILE A 25 18.74 -4.70 -5.00
C ILE A 25 17.62 -5.58 -4.43
N SER A 27 15.66 -7.66 -6.26
CA SER A 27 15.86 -9.00 -6.82
C SER A 27 17.09 -9.72 -6.26
N GLY A 28 18.22 -9.00 -6.10
CA GLY A 28 19.42 -9.55 -5.48
C GLY A 28 19.20 -10.08 -4.07
N LEU A 29 18.34 -9.42 -3.29
CA LEU A 29 18.05 -9.91 -1.93
C LEU A 29 17.38 -11.27 -2.02
N GLU A 30 16.46 -11.41 -2.94
CA GLU A 30 15.78 -12.68 -3.19
C GLU A 30 16.71 -13.71 -3.78
N LEU A 31 17.58 -13.27 -4.68
CA LEU A 31 18.51 -14.18 -5.31
C LEU A 31 19.71 -14.52 -4.44
N GLY A 32 19.98 -13.72 -3.41
CA GLY A 32 21.11 -13.99 -2.53
C GLY A 32 22.37 -13.24 -2.86
N THR A 33 22.34 -12.32 -3.82
CA THR A 33 23.54 -11.53 -4.16
C THR A 33 23.70 -10.26 -3.28
N PHE A 34 22.64 -9.84 -2.60
CA PHE A 34 22.71 -8.83 -1.56
C PHE A 34 22.06 -9.49 -0.34
N VAL A 35 22.48 -9.09 0.86
CA VAL A 35 21.96 -9.69 2.10
C VAL A 35 21.51 -8.66 3.16
N PRO A 36 20.56 -9.05 4.02
CA PRO A 36 20.20 -8.22 5.16
C PRO A 36 21.43 -7.85 5.97
N GLY A 37 21.55 -6.59 6.36
CA GLY A 37 22.72 -6.12 7.15
C GLY A 37 23.85 -5.63 6.29
N GLN A 38 23.71 -5.77 4.98
CA GLN A 38 24.82 -5.39 4.13
C GLN A 38 24.97 -3.85 4.03
N ARG A 39 26.21 -3.42 4.11
CA ARG A 39 26.59 -2.03 3.90
C ARG A 39 26.74 -1.73 2.44
N LEU A 40 25.97 -0.78 1.93
CA LEU A 40 26.08 -0.41 0.53
C LEU A 40 26.84 0.88 0.39
N VAL A 41 27.81 0.88 -0.52
CA VAL A 41 28.64 2.01 -0.80
C VAL A 41 28.23 2.58 -2.17
N GLU A 42 27.92 3.89 -2.22
CA GLU A 42 27.53 4.56 -3.50
C GLU A 42 28.42 4.16 -4.69
N THR A 43 29.74 4.25 -4.55
CA THR A 43 30.62 3.97 -5.66
C THR A 43 30.60 2.48 -6.08
N ASP A 44 30.40 1.56 -5.13
CA ASP A 44 30.22 0.15 -5.46
C ASP A 44 28.95 -0.05 -6.28
N LEU A 45 27.89 0.65 -5.90
CA LEU A 45 26.65 0.51 -6.64
C LEU A 45 26.74 1.12 -8.04
N VAL A 46 27.44 2.24 -8.18
CA VAL A 46 27.68 2.85 -9.50
C VAL A 46 28.38 1.83 -10.42
N ALA A 47 29.43 1.20 -9.93
CA ALA A 47 30.23 0.25 -10.76
C ALA A 47 29.40 -1.02 -10.99
N HIS A 48 28.70 -1.50 -9.98
CA HIS A 48 27.95 -2.74 -10.12
C HIS A 48 26.77 -2.60 -11.10
N PHE A 49 25.99 -1.54 -10.97
CA PHE A 49 24.83 -1.40 -11.84
C PHE A 49 25.11 -0.64 -13.12
N GLY A 50 26.28 -0.06 -13.24
CA GLY A 50 26.60 0.73 -14.40
C GLY A 50 25.74 1.97 -14.55
N VAL A 51 25.32 2.57 -13.46
CA VAL A 51 24.57 3.84 -13.54
C VAL A 51 25.32 4.91 -12.74
N GLY A 52 24.88 6.17 -12.84
CA GLY A 52 25.55 7.30 -12.18
C GLY A 52 25.08 7.52 -10.75
N ARG A 53 25.83 8.37 -10.05
CA ARG A 53 25.55 8.76 -8.69
C ARG A 53 24.11 9.21 -8.45
N ASN A 54 23.59 10.15 -9.23
CA ASN A 54 22.21 10.62 -9.02
C ASN A 54 21.21 9.48 -9.02
N SER A 55 21.35 8.55 -9.96
CA SER A 55 20.44 7.41 -10.03
C SER A 55 20.58 6.48 -8.80
N VAL A 56 21.79 6.24 -8.33
CA VAL A 56 21.98 5.46 -7.09
C VAL A 56 21.27 6.15 -5.94
N ARG A 57 21.54 7.43 -5.76
CA ARG A 57 20.93 8.18 -4.69
C ARG A 57 19.41 8.10 -4.71
N GLU A 58 18.84 8.28 -5.90
CA GLU A 58 17.41 8.21 -6.08
C GLU A 58 16.86 6.81 -5.77
N ALA A 59 17.55 5.78 -6.27
CA ALA A 59 17.14 4.40 -5.99
C ALA A 59 17.22 4.11 -4.49
N LEU A 60 18.28 4.58 -3.84
CA LEU A 60 18.43 4.36 -2.40
C LEU A 60 17.30 5.07 -1.63
N GLN A 61 16.96 6.30 -2.03
CA GLN A 61 15.84 7.04 -1.43
C GLN A 61 14.57 6.21 -1.54
N ARG A 62 14.31 5.65 -2.72
CA ARG A 62 13.09 4.87 -2.95
C ARG A 62 13.08 3.57 -2.10
N LEU A 63 14.26 2.95 -1.99
CA LEU A 63 14.42 1.73 -1.16
C LEU A 63 14.20 2.03 0.35
N ALA A 64 14.71 3.17 0.82
CA ALA A 64 14.41 3.65 2.18
C ALA A 64 12.90 3.86 2.26
N ALA A 65 12.29 4.48 1.26
CA ALA A 65 10.83 4.66 1.29
C ALA A 65 10.08 3.36 1.51
N GLU A 66 10.54 2.26 0.89
CA GLU A 66 9.90 0.94 0.94
C GLU A 66 10.30 0.08 2.14
N GLY A 67 11.16 0.62 2.98
CA GLY A 67 11.61 -0.10 4.18
C GLY A 67 12.74 -1.11 4.02
N ILE A 68 13.46 -1.05 2.88
CA ILE A 68 14.50 -2.03 2.52
C ILE A 68 15.86 -1.61 3.05
N VAL A 69 16.19 -0.31 2.99
CA VAL A 69 17.44 0.16 3.54
C VAL A 69 17.26 1.30 4.52
N ASP A 70 18.24 1.48 5.39
CA ASP A 70 18.38 2.71 6.14
C ASP A 70 19.55 3.49 5.53
N LEU A 71 19.25 4.72 5.10
CA LEU A 71 20.26 5.65 4.65
C LEU A 71 21.27 5.99 5.74
N GLN A 72 22.53 6.16 5.35
CA GLN A 72 23.61 6.48 6.29
C GLN A 72 24.27 7.77 5.82
N ARG A 73 25.31 8.18 6.52
CA ARG A 73 26.13 9.34 6.11
C ARG A 73 27.04 8.96 4.93
N HIS A 74 27.56 9.99 4.28
CA HIS A 74 28.52 9.83 3.18
C HIS A 74 27.91 9.06 2.00
N ARG A 75 26.60 9.23 1.79
CA ARG A 75 25.89 8.72 0.63
C ARG A 75 25.69 7.20 0.65
N GLY A 76 25.75 6.60 1.83
CA GLY A 76 25.69 5.13 1.93
C GLY A 76 24.36 4.64 2.48
N ALA A 77 24.27 3.32 2.70
CA ALA A 77 23.01 2.72 3.17
C ALA A 77 23.30 1.36 3.78
N VAL A 78 22.36 0.84 4.57
CA VAL A 78 22.52 -0.49 5.14
C VAL A 78 21.22 -1.21 4.83
N ILE A 79 21.30 -2.42 4.30
CA ILE A 79 20.10 -3.17 4.09
C ILE A 79 19.53 -3.54 5.49
N ARG A 80 18.26 -3.35 5.68
CA ARG A 80 17.63 -3.60 6.99
C ARG A 80 17.60 -5.11 7.32
N ARG A 81 17.65 -5.42 8.61
CA ARG A 81 17.23 -6.71 9.14
C ARG A 81 16.04 -6.44 10.00
N LEU A 82 15.06 -7.32 10.00
CA LEU A 82 13.85 -7.12 10.77
C LEU A 82 13.87 -7.92 12.05
N SER A 83 13.31 -7.35 13.10
CA SER A 83 12.96 -8.12 14.25
C SER A 83 11.82 -9.08 13.93
N LEU A 84 11.56 -10.01 14.84
CA LEU A 84 10.49 -10.94 14.65
C LEU A 84 9.17 -10.21 14.55
N GLN A 85 8.93 -9.25 15.44
CA GLN A 85 7.66 -8.52 15.45
C GLN A 85 7.52 -7.75 14.13
N GLU A 86 8.63 -7.21 13.63
CA GLU A 86 8.59 -6.42 12.43
C GLU A 86 8.26 -7.35 11.24
N THR A 87 8.81 -8.56 11.26
CA THR A 87 8.49 -9.56 10.24
C THR A 87 7.03 -9.93 10.27
N LEU A 88 6.51 -10.22 11.45
CA LEU A 88 5.12 -10.59 11.59
C LEU A 88 4.19 -9.45 11.09
N ASP A 89 4.60 -8.21 11.36
CA ASP A 89 3.82 -7.03 10.92
C ASP A 89 3.85 -6.90 9.39
N VAL A 90 5.01 -7.14 8.75
CA VAL A 90 5.08 -7.19 7.34
C VAL A 90 4.17 -8.34 6.75
N LEU A 91 4.22 -9.51 7.32
CA LEU A 91 3.40 -10.62 6.83
C LEU A 91 1.91 -10.30 6.98
N ASP A 92 1.55 -9.53 7.98
CA ASP A 92 0.14 -9.16 8.20
C ASP A 92 -0.38 -8.36 6.99
N VAL A 93 0.42 -7.41 6.52
CA VAL A 93 0.10 -6.67 5.32
C VAL A 93 0.21 -7.54 4.01
N ALA A 94 1.29 -8.30 3.86
CA ALA A 94 1.45 -9.17 2.71
C ALA A 94 0.34 -10.17 2.59
N GLU A 95 -0.13 -10.71 3.69
CA GLU A 95 -1.28 -11.62 3.64
C GLU A 95 -2.50 -10.99 3.00
N ARG A 96 -2.84 -9.81 3.42
CA ARG A 96 -4.04 -9.16 2.92
C ARG A 96 -3.85 -8.65 1.51
N THR A 98 -1.68 -9.94 -0.81
CA THR A 98 -1.54 -11.09 -1.73
C THR A 98 -2.88 -11.69 -1.96
N GLY A 99 -3.66 -11.76 -0.91
CA GLY A 99 -5.05 -12.07 -1.05
C GLY A 99 -5.76 -11.20 -2.05
N LEU A 100 -5.63 -9.89 -1.93
CA LEU A 100 -6.22 -9.01 -2.89
C LEU A 100 -5.63 -9.13 -4.29
N LEU A 101 -4.34 -9.38 -4.43
CA LEU A 101 -3.76 -9.61 -5.75
C LEU A 101 -4.49 -10.76 -6.51
N ALA A 102 -4.62 -11.90 -5.83
CA ALA A 102 -5.30 -13.11 -6.37
C ALA A 102 -6.75 -12.77 -6.63
N ARG A 103 -7.41 -12.16 -5.65
CA ARG A 103 -8.79 -11.76 -5.81
C ARG A 103 -9.02 -10.93 -7.04
N ALA A 104 -8.21 -9.90 -7.23
CA ALA A 104 -8.42 -9.00 -8.36
C ALA A 104 -8.11 -9.70 -9.70
N ALA A 105 -7.11 -10.60 -9.71
CA ALA A 105 -6.69 -11.26 -10.93
C ALA A 105 -7.81 -12.08 -11.55
N THR A 106 -8.84 -12.43 -10.77
CA THR A 106 -9.99 -13.14 -11.32
C THR A 106 -10.70 -12.36 -12.41
N ARG A 107 -10.51 -11.05 -12.43
CA ARG A 107 -11.04 -10.26 -13.53
C ARG A 107 -10.47 -10.66 -14.90
N GLY A 108 -9.30 -11.24 -14.93
CA GLY A 108 -8.72 -11.69 -16.19
C GLY A 108 -8.90 -13.17 -16.44
N SER A 109 -9.76 -13.87 -15.70
CA SER A 109 -9.82 -15.35 -15.88
C SER A 109 -10.33 -15.79 -17.27
N GLY A 110 -11.03 -14.91 -17.99
CA GLY A 110 -11.42 -15.15 -19.38
C GLY A 110 -10.50 -14.52 -20.41
N ASN A 111 -9.42 -13.88 -20.01
CA ASN A 111 -8.51 -13.25 -21.00
C ASN A 111 -7.48 -14.29 -21.43
N GLN A 112 -7.69 -14.85 -22.62
CA GLN A 112 -6.98 -16.08 -22.95
CA GLN A 112 -6.95 -16.07 -23.02
C GLN A 112 -5.46 -15.88 -22.95
N PRO A 113 -4.94 -14.77 -23.51
CA PRO A 113 -3.48 -14.59 -23.46
C PRO A 113 -2.87 -14.53 -22.05
N GLN A 114 -3.60 -13.92 -21.11
CA GLN A 114 -3.12 -13.78 -19.74
C GLN A 114 -3.19 -15.13 -19.00
N VAL A 115 -4.27 -15.85 -19.23
CA VAL A 115 -4.42 -17.22 -18.73
C VAL A 115 -3.25 -18.10 -19.18
N GLN A 116 -2.89 -17.98 -20.45
CA GLN A 116 -1.74 -18.71 -21.02
C GLN A 116 -0.45 -18.33 -20.36
N ALA A 117 -0.26 -17.03 -20.15
CA ALA A 117 0.88 -16.54 -19.36
C ALA A 117 0.85 -17.10 -17.95
N LEU A 118 -0.30 -17.14 -17.32
CA LEU A 118 -0.37 -17.58 -15.91
C LEU A 118 -0.03 -19.07 -15.82
N ARG A 119 -0.65 -19.86 -16.69
CA ARG A 119 -0.38 -21.31 -16.79
C ARG A 119 1.08 -21.58 -17.12
N ALA A 120 1.65 -20.79 -18.02
CA ALA A 120 3.05 -20.95 -18.35
C ALA A 120 3.94 -20.63 -17.15
N SER A 121 3.62 -19.55 -16.42
CA SER A 121 4.42 -19.15 -15.31
C SER A 121 4.38 -20.29 -14.31
N VAL A 122 3.22 -20.93 -14.14
CA VAL A 122 3.13 -22.05 -13.17
C VAL A 122 4.02 -23.22 -13.60
N GLN A 123 4.00 -23.60 -14.89
CA GLN A 123 4.85 -24.68 -15.42
CA GLN A 123 4.84 -24.74 -15.26
C GLN A 123 6.32 -24.41 -15.09
N ALA A 124 6.73 -23.16 -15.31
CA ALA A 124 8.12 -22.75 -15.02
C ALA A 124 8.50 -22.84 -13.52
N LEU A 125 7.55 -22.50 -12.63
CA LEU A 125 7.78 -22.72 -11.21
C LEU A 125 8.01 -24.20 -10.89
N VAL A 126 7.15 -25.08 -11.44
CA VAL A 126 7.25 -26.52 -11.19
C VAL A 126 8.62 -27.08 -11.67
N ALA A 127 9.02 -26.69 -12.88
CA ALA A 127 10.31 -27.08 -13.44
C ALA A 127 11.48 -26.53 -12.61
N ALA A 128 11.42 -25.27 -12.18
CA ALA A 128 12.53 -24.75 -11.37
C ALA A 128 12.62 -25.47 -10.03
N GLU A 129 11.47 -25.77 -9.41
CA GLU A 129 11.46 -26.43 -8.10
C GLU A 129 12.10 -27.80 -8.17
N LYS A 130 11.71 -28.56 -9.18
CA LYS A 130 12.30 -29.87 -9.42
C LYS A 130 13.83 -29.73 -9.58
N ALA A 131 14.29 -28.81 -10.45
CA ALA A 131 15.74 -28.63 -10.71
C ALA A 131 16.49 -27.99 -9.54
N GLN A 132 15.78 -27.68 -8.45
CA GLN A 132 16.35 -27.01 -7.24
C GLN A 132 17.15 -25.73 -7.51
N ASP A 133 16.70 -25.00 -8.56
CA ASP A 133 17.35 -23.79 -9.06
C ASP A 133 16.68 -22.52 -8.51
N GLY A 134 17.24 -21.98 -7.42
CA GLY A 134 16.72 -20.78 -6.78
C GLY A 134 16.59 -19.57 -7.71
N GLU A 135 17.47 -19.48 -8.69
CA GLU A 135 17.49 -18.31 -9.56
C GLU A 135 16.28 -18.31 -10.48
N THR A 136 16.10 -19.41 -11.21
CA THR A 136 15.00 -19.53 -12.16
CA THR A 136 15.01 -19.57 -12.17
C THR A 136 13.67 -19.62 -11.41
N PHE A 137 13.67 -20.17 -10.20
CA PHE A 137 12.42 -20.22 -9.45
C PHE A 137 12.04 -18.80 -9.09
N SER A 138 13.00 -18.02 -8.60
CA SER A 138 12.72 -16.63 -8.25
C SER A 138 12.21 -15.83 -9.42
N ASN A 139 12.75 -16.11 -10.59
CA ASN A 139 12.37 -15.34 -11.80
C ASN A 139 10.97 -15.76 -12.23
N ALA A 140 10.67 -17.06 -12.16
CA ALA A 140 9.34 -17.50 -12.54
C ALA A 140 8.35 -16.99 -11.47
N ARG A 141 8.76 -16.94 -10.21
CA ARG A 141 7.92 -16.35 -9.17
C ARG A 141 7.55 -14.91 -9.52
N ARG A 142 8.57 -14.11 -9.83
CA ARG A 142 8.30 -12.72 -10.19
CA ARG A 142 8.40 -12.72 -10.30
C ARG A 142 7.31 -12.66 -11.37
N HIS A 143 7.51 -13.47 -12.42
CA HIS A 143 6.62 -13.50 -13.55
C HIS A 143 5.16 -13.87 -13.20
N PHE A 144 5.01 -14.85 -12.33
CA PHE A 144 3.71 -15.26 -11.82
C PHE A 144 2.98 -14.08 -11.17
N TYR A 145 3.68 -13.39 -10.26
CA TYR A 145 3.10 -12.24 -9.56
C TYR A 145 2.77 -11.14 -10.52
N ARG A 146 3.68 -10.83 -11.44
CA ARG A 146 3.39 -9.78 -12.42
C ARG A 146 2.17 -10.10 -13.30
N THR A 147 2.01 -11.35 -13.69
CA THR A 147 0.84 -11.76 -14.49
C THR A 147 -0.41 -11.57 -13.66
N LEU A 148 -0.36 -11.98 -12.40
CA LEU A 148 -1.51 -11.77 -11.54
C LEU A 148 -1.84 -10.28 -11.49
N LEU A 149 -0.81 -9.46 -11.45
CA LEU A 149 -1.02 -8.00 -11.36
C LEU A 149 -1.70 -7.47 -12.61
N GLU A 150 -1.21 -7.88 -13.75
CA GLU A 150 -1.74 -7.41 -15.03
C GLU A 150 -3.16 -7.86 -15.20
N GLY A 152 -5.43 -8.24 -12.76
CA GLY A 152 -6.37 -7.49 -11.96
C GLY A 152 -6.47 -6.03 -12.37
N ASP A 153 -5.44 -5.53 -13.03
CA ASP A 153 -5.33 -4.14 -13.40
C ASP A 153 -5.74 -3.14 -12.27
N ASN A 154 -5.44 -3.46 -11.01
CA ASN A 154 -5.74 -2.58 -9.87
C ASN A 154 -4.57 -1.61 -9.74
N ARG A 155 -4.79 -0.36 -10.15
CA ARG A 155 -3.76 0.68 -10.04
C ARG A 155 -3.22 0.82 -8.60
N GLU A 156 -4.06 0.64 -7.59
CA GLU A 156 -3.57 0.72 -6.20
C GLU A 156 -2.64 -0.41 -5.81
N LEU A 157 -2.88 -1.62 -6.32
CA LEU A 157 -1.96 -2.71 -6.11
C LEU A 157 -0.66 -2.50 -6.85
N ARG A 158 -0.74 -1.92 -8.05
CA ARG A 158 0.48 -1.63 -8.83
C ARG A 158 1.42 -0.76 -8.04
N ARG A 159 0.86 0.21 -7.34
CA ARG A 159 1.69 1.13 -6.55
C ARG A 159 2.20 0.50 -5.25
N LEU A 160 1.49 -0.45 -4.66
CA LEU A 160 1.99 -1.20 -3.49
C LEU A 160 2.80 -2.48 -3.83
N PHE A 161 2.96 -2.81 -5.11
CA PHE A 161 3.38 -4.16 -5.56
C PHE A 161 4.64 -4.70 -4.87
N PRO A 162 5.70 -3.87 -4.77
CA PRO A 162 6.93 -4.30 -4.03
C PRO A 162 6.73 -4.86 -2.62
N THR A 163 5.78 -4.36 -1.85
CA THR A 163 5.54 -4.94 -0.53
C THR A 163 5.21 -6.43 -0.61
N ILE A 164 4.45 -6.80 -1.64
CA ILE A 164 3.94 -8.17 -1.77
C ILE A 164 5.05 -9.19 -1.79
N HIS A 165 6.21 -8.79 -2.29
CA HIS A 165 7.32 -9.71 -2.53
C HIS A 165 8.11 -10.10 -1.27
N PRO A 167 11.03 -9.00 0.22
CA PRO A 167 12.43 -9.36 -0.08
C PRO A 167 13.29 -9.57 1.15
N ILE A 168 13.16 -8.72 2.16
CA ILE A 168 13.93 -8.92 3.38
C ILE A 168 13.55 -10.21 4.09
N VAL A 169 12.26 -10.43 4.30
CA VAL A 169 11.74 -11.67 4.90
C VAL A 169 12.25 -12.91 4.12
N HIS A 170 12.14 -12.85 2.81
CA HIS A 170 12.65 -13.95 1.94
C HIS A 170 14.07 -14.27 2.32
N ALA A 171 14.93 -13.24 2.37
CA ALA A 171 16.35 -13.43 2.64
C ALA A 171 16.63 -13.84 4.07
N GLN A 172 16.17 -13.04 5.03
CA GLN A 172 16.50 -13.25 6.41
C GLN A 172 15.88 -14.53 6.93
N HIS A 173 14.73 -14.94 6.40
CA HIS A 173 14.06 -16.15 6.91
C HIS A 173 14.17 -17.34 5.98
N ARG A 174 15.12 -17.28 5.03
CA ARG A 174 15.52 -18.46 4.26
C ARG A 174 14.29 -19.12 3.60
N LEU A 175 13.48 -18.32 2.90
CA LEU A 175 12.34 -18.84 2.15
C LEU A 175 12.76 -19.79 0.97
N ALA A 176 14.01 -19.67 0.52
CA ALA A 176 14.59 -20.69 -0.40
C ALA A 176 14.41 -22.12 0.14
N SER A 177 14.48 -22.33 1.47
CA SER A 177 14.29 -23.65 2.05
C SER A 177 12.83 -24.12 2.11
N LEU A 178 11.87 -23.22 1.82
CA LEU A 178 10.43 -23.55 1.85
C LEU A 178 9.80 -23.67 0.46
N ARG A 179 10.65 -23.89 -0.55
CA ARG A 179 10.18 -23.88 -1.95
C ARG A 179 9.10 -24.95 -2.29
N GLN A 180 9.23 -26.14 -1.72
CA GLN A 180 8.20 -27.17 -1.96
C GLN A 180 6.82 -26.62 -1.56
N ARG A 182 5.93 -23.51 -0.95
CA ARG A 182 5.57 -22.29 -1.68
C ARG A 182 5.02 -22.65 -3.06
N LEU A 183 5.62 -23.61 -3.73
CA LEU A 183 5.15 -23.99 -5.07
C LEU A 183 3.69 -24.49 -5.02
N ASP A 184 3.41 -25.34 -4.04
CA ASP A 184 2.02 -25.81 -3.85
CA ASP A 184 2.03 -25.82 -3.88
C ASP A 184 1.10 -24.64 -3.62
N ASP A 185 1.53 -23.69 -2.79
CA ASP A 185 0.74 -22.51 -2.58
C ASP A 185 0.44 -21.73 -3.88
N TYR A 186 1.46 -21.56 -4.70
CA TYR A 186 1.33 -20.81 -5.91
C TYR A 186 0.42 -21.54 -6.90
N ARG A 187 0.54 -22.87 -6.92
CA ARG A 187 -0.36 -23.67 -7.70
C ARG A 187 -1.80 -23.49 -7.24
N ARG A 188 -2.06 -23.47 -5.93
CA ARG A 188 -3.44 -23.27 -5.45
C ARG A 188 -3.96 -21.87 -5.83
N ILE A 189 -3.09 -20.85 -5.73
CA ILE A 189 -3.48 -19.50 -6.13
C ILE A 189 -3.92 -19.51 -7.61
N ALA A 190 -3.08 -20.04 -8.49
CA ALA A 190 -3.38 -20.09 -9.92
C ALA A 190 -4.71 -20.78 -10.17
N THR A 191 -4.85 -21.98 -9.62
CA THR A 191 -6.07 -22.74 -9.79
C THR A 191 -7.32 -21.95 -9.30
N ALA A 192 -7.21 -21.22 -8.18
CA ALA A 192 -8.33 -20.46 -7.64
C ALA A 192 -8.61 -19.21 -8.53
N VAL A 193 -7.55 -18.57 -8.98
CA VAL A 193 -7.70 -17.40 -9.81
C VAL A 193 -8.38 -17.77 -11.11
N LEU A 194 -7.88 -18.82 -11.75
CA LEU A 194 -8.39 -19.23 -13.06
C LEU A 194 -9.83 -19.67 -13.00
N ALA A 195 -10.30 -20.13 -11.85
CA ALA A 195 -11.71 -20.51 -11.66
C ALA A 195 -12.64 -19.28 -11.48
N GLY A 196 -12.07 -18.10 -11.26
CA GLY A 196 -12.77 -16.85 -11.47
C GLY A 196 -13.57 -16.39 -10.30
N GLU A 197 -13.62 -17.18 -9.23
CA GLU A 197 -14.44 -16.80 -8.08
C GLU A 197 -13.58 -15.98 -7.06
N PRO A 198 -13.95 -14.70 -6.85
CA PRO A 198 -13.01 -13.83 -6.09
C PRO A 198 -12.75 -14.23 -4.66
N ASP A 199 -13.77 -14.71 -3.95
CA ASP A 199 -13.55 -15.08 -2.56
C ASP A 199 -12.58 -16.25 -2.39
N ALA A 200 -12.68 -17.28 -3.23
CA ALA A 200 -11.78 -18.42 -3.11
C ALA A 200 -10.40 -18.01 -3.61
N ALA A 201 -10.32 -17.15 -4.60
CA ALA A 201 -9.02 -16.60 -4.99
C ALA A 201 -8.35 -15.85 -3.84
N GLU A 202 -9.11 -14.97 -3.15
CA GLU A 202 -8.55 -14.19 -2.06
C GLU A 202 -8.03 -15.13 -0.99
N ALA A 203 -8.84 -16.15 -0.64
CA ALA A 203 -8.44 -17.09 0.37
C ALA A 203 -7.17 -17.80 0.00
N ALA A 204 -7.03 -18.18 -1.27
CA ALA A 204 -5.81 -18.86 -1.68
C ALA A 204 -4.55 -17.94 -1.62
N GLY A 205 -4.70 -16.69 -1.99
CA GLY A 205 -3.58 -15.75 -1.88
C GLY A 205 -3.17 -15.55 -0.43
N ALA A 206 -4.14 -15.37 0.45
CA ALA A 206 -3.85 -15.18 1.88
C ALA A 206 -3.28 -16.46 2.50
N ALA A 207 -3.80 -17.60 2.06
CA ALA A 207 -3.29 -18.90 2.52
C ALA A 207 -1.79 -18.99 2.37
N HIS A 208 -1.26 -18.52 1.25
CA HIS A 208 0.16 -18.67 1.00
C HIS A 208 0.93 -17.96 2.15
N VAL A 209 0.56 -16.72 2.44
CA VAL A 209 1.28 -15.94 3.48
C VAL A 209 1.10 -16.54 4.86
N LYS A 210 -0.08 -17.04 5.16
CA LYS A 210 -0.29 -17.79 6.39
C LYS A 210 0.69 -18.96 6.53
N ASN A 211 0.97 -19.65 5.43
CA ASN A 211 1.97 -20.76 5.45
C ASN A 211 3.35 -20.29 5.70
N VAL A 212 3.75 -19.18 5.04
CA VAL A 212 5.03 -18.57 5.33
C VAL A 212 5.16 -18.17 6.82
N ARG A 213 4.15 -17.51 7.38
CA ARG A 213 4.17 -17.12 8.79
C ARG A 213 4.31 -18.35 9.71
N GLY A 214 3.49 -19.36 9.49
CA GLY A 214 3.62 -20.64 10.16
C GLY A 214 5.00 -21.23 10.12
N ALA A 215 5.64 -21.25 8.96
CA ALA A 215 6.98 -21.83 8.88
C ALA A 215 7.97 -21.03 9.73
N ILE A 216 7.87 -19.70 9.67
CA ILE A 216 8.80 -18.84 10.42
C ILE A 216 8.59 -19.05 11.89
N LEU A 217 7.34 -19.07 12.33
CA LEU A 217 7.06 -19.21 13.74
C LEU A 217 7.49 -20.58 14.25
N ASP A 218 7.34 -21.61 13.43
CA ASP A 218 7.74 -22.98 13.80
C ASP A 218 9.21 -23.11 14.15
N ARG A 219 10.08 -22.42 13.45
CA ARG A 219 11.51 -22.44 13.82
C ARG A 219 11.79 -21.92 15.24
N GLN A 220 11.03 -20.91 15.67
CA GLN A 220 11.24 -20.26 16.99
C GLN A 220 11.13 -21.24 18.17
N SER B 16 7.98 26.76 3.14
CA SER B 16 6.62 26.18 3.33
C SER B 16 5.59 26.83 2.38
N ALA B 17 6.03 27.79 1.54
CA ALA B 17 5.20 28.25 0.42
C ALA B 17 4.66 27.02 -0.34
N SER B 18 5.51 26.02 -0.50
CA SER B 18 5.12 24.79 -1.16
C SER B 18 4.01 24.05 -0.38
N ASP B 19 4.17 23.95 0.93
CA ASP B 19 3.12 23.44 1.83
C ASP B 19 1.74 24.13 1.70
N THR B 20 1.74 25.46 1.57
CA THR B 20 0.51 26.23 1.48
C THR B 20 -0.32 25.71 0.31
N VAL B 21 0.31 25.66 -0.85
CA VAL B 21 -0.34 25.13 -2.07
C VAL B 21 -0.69 23.65 -1.89
N PHE B 22 0.25 22.84 -1.43
CA PHE B 22 0.01 21.41 -1.27
C PHE B 22 -1.20 21.15 -0.39
N PHE B 23 -1.16 21.68 0.83
CA PHE B 23 -2.27 21.47 1.79
C PHE B 23 -3.52 22.25 1.41
N GLY B 24 -3.34 23.42 0.83
CA GLY B 24 -4.45 24.21 0.31
C GLY B 24 -5.30 23.48 -0.72
N ILE B 25 -4.65 22.73 -1.63
CA ILE B 25 -5.39 21.98 -2.65
C ILE B 25 -6.07 20.80 -2.01
N SER B 27 -7.03 20.48 1.19
CA SER B 27 -8.15 21.01 1.93
C SER B 27 -9.34 21.42 1.00
N GLY B 28 -9.03 22.11 -0.10
CA GLY B 28 -10.07 22.50 -1.07
C GLY B 28 -10.86 21.30 -1.62
N LEU B 29 -10.18 20.17 -1.85
CA LEU B 29 -10.86 18.94 -2.29
C LEU B 29 -11.89 18.47 -1.29
N GLU B 30 -11.54 18.55 -0.01
CA GLU B 30 -12.49 18.23 1.08
C GLU B 30 -13.59 19.19 1.14
N LEU B 31 -13.28 20.48 1.10
CA LEU B 31 -14.31 21.48 1.23
C LEU B 31 -15.19 21.63 -0.02
N GLY B 32 -14.79 21.03 -1.15
CA GLY B 32 -15.55 21.10 -2.41
C GLY B 32 -15.26 22.31 -3.31
N THR B 33 -14.24 23.07 -3.00
CA THR B 33 -13.82 24.21 -3.80
C THR B 33 -12.79 23.82 -4.87
N PHE B 34 -12.15 22.67 -4.69
CA PHE B 34 -11.38 22.05 -5.75
C PHE B 34 -12.08 20.72 -5.99
N VAL B 35 -12.13 20.26 -7.24
CA VAL B 35 -12.94 19.10 -7.59
C VAL B 35 -12.17 18.17 -8.49
N PRO B 36 -12.42 16.86 -8.39
CA PRO B 36 -11.80 15.90 -9.26
C PRO B 36 -12.13 16.16 -10.71
N GLY B 37 -11.11 16.06 -11.56
CA GLY B 37 -11.20 16.45 -12.96
C GLY B 37 -10.87 17.89 -13.27
N GLN B 38 -10.75 18.75 -12.26
CA GLN B 38 -10.48 20.19 -12.48
C GLN B 38 -9.05 20.46 -13.00
N ARG B 39 -8.94 21.28 -14.04
CA ARG B 39 -7.63 21.69 -14.54
C ARG B 39 -7.12 22.89 -13.74
N LEU B 40 -5.89 22.82 -13.26
CA LEU B 40 -5.27 23.88 -12.47
C LEU B 40 -4.27 24.68 -13.33
N VAL B 41 -4.32 26.00 -13.24
CA VAL B 41 -3.44 26.88 -14.00
C VAL B 41 -2.45 27.52 -13.02
N GLU B 42 -1.17 27.34 -13.28
CA GLU B 42 -0.13 27.75 -12.32
C GLU B 42 -0.21 29.22 -11.93
N THR B 43 -0.40 30.09 -12.90
CA THR B 43 -0.51 31.52 -12.63
CA THR B 43 -0.49 31.52 -12.60
C THR B 43 -1.71 31.83 -11.71
N ASP B 44 -2.79 31.04 -11.84
CA ASP B 44 -3.95 31.23 -10.96
C ASP B 44 -3.65 30.76 -9.53
N LEU B 45 -2.93 29.66 -9.40
CA LEU B 45 -2.51 29.16 -8.10
C LEU B 45 -1.52 30.11 -7.41
N VAL B 46 -0.65 30.76 -8.19
CA VAL B 46 0.27 31.75 -7.68
C VAL B 46 -0.53 32.91 -7.07
N ALA B 47 -1.47 33.46 -7.85
CA ALA B 47 -2.28 34.58 -7.38
C ALA B 47 -3.08 34.15 -6.14
N HIS B 48 -3.74 32.99 -6.20
CA HIS B 48 -4.67 32.58 -5.14
C HIS B 48 -3.99 32.27 -3.82
N PHE B 49 -2.88 31.52 -3.84
CA PHE B 49 -2.17 31.24 -2.58
C PHE B 49 -1.09 32.26 -2.24
N GLY B 50 -0.83 33.22 -3.12
CA GLY B 50 0.14 34.30 -2.84
C GLY B 50 1.57 33.82 -2.63
N VAL B 51 1.95 32.77 -3.36
CA VAL B 51 3.32 32.23 -3.32
C VAL B 51 3.93 32.27 -4.73
N GLY B 52 5.20 31.87 -4.80
CA GLY B 52 5.95 31.94 -6.06
C GLY B 52 5.68 30.82 -7.04
N ARG B 53 5.95 31.09 -8.32
CA ARG B 53 5.85 30.11 -9.41
C ARG B 53 6.55 28.80 -9.08
N ASN B 54 7.81 28.89 -8.63
CA ASN B 54 8.56 27.70 -8.24
C ASN B 54 7.86 26.89 -7.15
N SER B 55 7.27 27.59 -6.18
CA SER B 55 6.59 26.93 -5.07
C SER B 55 5.34 26.20 -5.55
N VAL B 56 4.60 26.85 -6.43
CA VAL B 56 3.43 26.20 -7.04
C VAL B 56 3.88 24.91 -7.77
N ARG B 57 4.90 25.02 -8.63
CA ARG B 57 5.44 23.85 -9.36
C ARG B 57 5.85 22.71 -8.43
N GLU B 58 6.57 23.02 -7.34
CA GLU B 58 6.92 22.00 -6.36
C GLU B 58 5.70 21.32 -5.71
N ALA B 59 4.72 22.13 -5.33
CA ALA B 59 3.48 21.59 -4.76
C ALA B 59 2.79 20.64 -5.75
N LEU B 60 2.73 21.04 -7.02
CA LEU B 60 2.10 20.17 -8.05
C LEU B 60 2.89 18.84 -8.21
N GLN B 61 4.23 18.89 -8.16
CA GLN B 61 5.04 17.64 -8.23
CA GLN B 61 5.04 17.66 -8.24
C GLN B 61 4.74 16.74 -7.05
N ARG B 62 4.61 17.32 -5.86
CA ARG B 62 4.27 16.56 -4.66
C ARG B 62 2.90 15.94 -4.74
N LEU B 63 1.92 16.77 -5.13
CA LEU B 63 0.54 16.31 -5.37
C LEU B 63 0.57 15.18 -6.38
N ALA B 64 1.37 15.32 -7.41
CA ALA B 64 1.44 14.23 -8.41
C ALA B 64 1.98 12.92 -7.82
N ALA B 65 3.08 13.02 -7.05
CA ALA B 65 3.69 11.83 -6.44
C ALA B 65 2.69 11.06 -5.55
N GLU B 66 1.70 11.77 -4.99
CA GLU B 66 0.68 11.15 -4.12
C GLU B 66 -0.58 10.71 -4.85
N GLY B 67 -0.56 10.76 -6.19
CA GLY B 67 -1.74 10.43 -6.99
C GLY B 67 -2.98 11.29 -6.78
N ILE B 68 -2.81 12.59 -6.56
CA ILE B 68 -3.92 13.53 -6.50
C ILE B 68 -4.11 14.29 -7.82
N VAL B 69 -3.03 14.63 -8.51
CA VAL B 69 -3.07 15.30 -9.78
C VAL B 69 -2.21 14.56 -10.82
N ASP B 70 -2.43 14.86 -12.08
CA ASP B 70 -1.56 14.46 -13.16
C ASP B 70 -0.97 15.74 -13.78
N LEU B 71 0.34 15.78 -13.93
CA LEU B 71 1.03 16.97 -14.44
C LEU B 71 0.84 17.05 -15.93
N GLN B 72 0.81 18.26 -16.48
CA GLN B 72 0.90 18.49 -17.93
C GLN B 72 2.32 18.90 -18.36
N ARG B 73 2.56 18.87 -19.68
CA ARG B 73 3.86 19.25 -20.23
C ARG B 73 4.12 20.72 -19.92
N HIS B 74 5.30 21.03 -19.36
CA HIS B 74 5.75 22.42 -19.11
C HIS B 74 5.12 23.06 -17.87
N ARG B 75 3.78 23.13 -17.84
CA ARG B 75 3.06 23.80 -16.77
C ARG B 75 1.65 23.22 -16.62
N GLY B 76 1.11 23.23 -15.41
CA GLY B 76 -0.29 22.89 -15.18
C GLY B 76 -0.49 21.47 -14.68
N ALA B 77 -1.71 21.18 -14.26
CA ALA B 77 -2.07 19.85 -13.76
C ALA B 77 -3.58 19.69 -13.76
N VAL B 78 -4.07 18.46 -13.61
CA VAL B 78 -5.47 18.17 -13.61
C VAL B 78 -5.67 17.25 -12.44
N ILE B 79 -6.60 17.60 -11.55
CA ILE B 79 -6.90 16.79 -10.40
C ILE B 79 -7.51 15.51 -10.91
N ARG B 80 -7.05 14.38 -10.38
CA ARG B 80 -7.50 13.06 -10.87
C ARG B 80 -8.98 12.83 -10.63
N ARG B 81 -9.60 12.07 -11.54
CA ARG B 81 -10.99 11.70 -11.38
C ARG B 81 -11.06 10.23 -11.72
N LEU B 82 -11.90 9.47 -11.01
CA LEU B 82 -11.83 8.01 -11.10
C LEU B 82 -13.02 7.40 -11.81
N SER B 83 -12.76 6.39 -12.65
CA SER B 83 -13.80 5.55 -13.15
C SER B 83 -14.37 4.76 -11.99
N LEU B 84 -15.54 4.17 -12.21
CA LEU B 84 -16.12 3.34 -11.16
C LEU B 84 -15.14 2.20 -10.81
N GLN B 85 -14.57 1.56 -11.82
CA GLN B 85 -13.69 0.45 -11.51
C GLN B 85 -12.47 0.90 -10.69
N GLU B 86 -11.91 2.07 -11.01
CA GLU B 86 -10.77 2.59 -10.28
C GLU B 86 -11.14 2.88 -8.82
N THR B 87 -12.40 3.26 -8.63
CA THR B 87 -12.98 3.49 -7.32
C THR B 87 -13.09 2.23 -6.48
N LEU B 88 -13.71 1.22 -7.06
CA LEU B 88 -13.82 -0.09 -6.43
C LEU B 88 -12.44 -0.67 -6.07
N ASP B 89 -11.46 -0.46 -6.94
CA ASP B 89 -10.08 -0.85 -6.71
C ASP B 89 -9.46 -0.14 -5.50
N VAL B 90 -9.68 1.19 -5.39
CA VAL B 90 -9.32 1.89 -4.18
C VAL B 90 -10.02 1.32 -2.96
N LEU B 91 -11.31 1.06 -3.06
CA LEU B 91 -12.04 0.61 -1.89
C LEU B 91 -11.53 -0.76 -1.41
N ASP B 92 -11.17 -1.63 -2.36
CA ASP B 92 -10.69 -2.97 -2.07
C ASP B 92 -9.49 -2.93 -1.17
N VAL B 93 -8.51 -2.09 -1.52
CA VAL B 93 -7.33 -1.89 -0.72
C VAL B 93 -7.67 -1.26 0.62
N ALA B 94 -8.52 -0.23 0.61
CA ALA B 94 -8.83 0.48 1.87
C ALA B 94 -9.55 -0.47 2.83
N GLU B 95 -10.40 -1.34 2.31
CA GLU B 95 -11.14 -2.25 3.16
C GLU B 95 -10.17 -3.11 3.99
N ARG B 96 -9.24 -3.74 3.30
CA ARG B 96 -8.34 -4.66 3.95
C ARG B 96 -7.34 -3.97 4.81
N THR B 98 -7.86 -0.98 6.30
CA THR B 98 -8.55 -0.42 7.43
C THR B 98 -8.85 -1.56 8.44
N GLY B 99 -9.18 -2.75 7.93
CA GLY B 99 -9.35 -3.94 8.76
C GLY B 99 -8.11 -4.22 9.59
N LEU B 100 -6.97 -4.22 8.93
CA LEU B 100 -5.68 -4.41 9.58
C LEU B 100 -5.34 -3.29 10.60
N LEU B 101 -5.57 -2.06 10.22
CA LEU B 101 -5.33 -0.92 11.13
C LEU B 101 -6.05 -1.15 12.44
N ALA B 102 -7.34 -1.37 12.36
CA ALA B 102 -8.15 -1.67 13.51
C ALA B 102 -7.60 -2.91 14.27
N ARG B 103 -7.23 -3.94 13.52
CA ARG B 103 -6.76 -5.17 14.13
C ARG B 103 -5.51 -4.91 14.93
N ALA B 104 -4.52 -4.27 14.31
CA ALA B 104 -3.27 -4.00 14.97
C ALA B 104 -3.47 -3.09 16.20
N ALA B 105 -4.47 -2.21 16.18
CA ALA B 105 -4.63 -1.22 17.22
C ALA B 105 -5.06 -1.84 18.56
N THR B 106 -5.63 -3.03 18.52
CA THR B 106 -5.94 -3.79 19.71
C THR B 106 -4.70 -3.96 20.60
N ARG B 107 -3.51 -4.07 20.01
CA ARG B 107 -2.25 -4.08 20.76
C ARG B 107 -2.04 -2.90 21.69
N GLY B 108 -2.66 -1.76 21.42
CA GLY B 108 -2.56 -0.58 22.27
C GLY B 108 -3.76 -0.36 23.16
N SER B 109 -4.65 -1.34 23.24
CA SER B 109 -5.84 -1.20 24.07
C SER B 109 -5.50 -1.06 25.57
N GLY B 110 -4.28 -1.39 26.01
CA GLY B 110 -3.83 -1.06 27.39
C GLY B 110 -3.12 0.27 27.54
N ASN B 111 -2.89 0.97 26.44
CA ASN B 111 -2.10 2.18 26.46
C ASN B 111 -3.02 3.34 26.77
N GLN B 112 -3.05 3.81 28.02
CA GLN B 112 -4.10 4.74 28.42
C GLN B 112 -4.08 6.08 27.70
N PRO B 113 -2.90 6.67 27.46
CA PRO B 113 -2.90 7.90 26.66
C PRO B 113 -3.56 7.71 25.31
N GLN B 114 -3.30 6.60 24.62
CA GLN B 114 -3.86 6.42 23.31
CA GLN B 114 -3.87 6.38 23.31
C GLN B 114 -5.36 6.07 23.40
N VAL B 115 -5.74 5.34 24.46
CA VAL B 115 -7.14 5.05 24.72
C VAL B 115 -7.87 6.37 24.83
N GLN B 116 -7.37 7.26 25.67
CA GLN B 116 -8.02 8.53 25.85
C GLN B 116 -7.96 9.37 24.57
N ALA B 117 -6.88 9.32 23.82
CA ALA B 117 -6.88 10.01 22.53
C ALA B 117 -7.99 9.44 21.60
N LEU B 118 -8.24 8.13 21.60
CA LEU B 118 -9.21 7.56 20.67
C LEU B 118 -10.64 7.97 21.09
N ARG B 119 -10.85 7.95 22.38
CA ARG B 119 -12.12 8.41 22.92
C ARG B 119 -12.39 9.87 22.59
N ALA B 120 -11.35 10.71 22.65
CA ALA B 120 -11.54 12.12 22.35
C ALA B 120 -11.86 12.26 20.87
N SER B 121 -11.21 11.46 20.00
CA SER B 121 -11.50 11.58 18.59
C SER B 121 -12.97 11.24 18.32
N VAL B 122 -13.50 10.24 19.03
CA VAL B 122 -14.89 9.84 18.86
C VAL B 122 -15.77 10.99 19.30
N GLN B 123 -15.52 11.55 20.49
CA GLN B 123 -16.25 12.74 20.90
C GLN B 123 -16.22 13.85 19.87
N ALA B 124 -15.06 14.11 19.27
CA ALA B 124 -14.91 15.21 18.31
C ALA B 124 -15.60 14.88 16.98
N LEU B 125 -15.68 13.59 16.63
CA LEU B 125 -16.38 13.19 15.42
C LEU B 125 -17.85 13.48 15.64
N VAL B 126 -18.39 12.95 16.75
CA VAL B 126 -19.77 13.21 17.16
C VAL B 126 -20.12 14.69 17.13
N ALA B 127 -19.28 15.48 17.78
CA ALA B 127 -19.50 16.93 17.90
C ALA B 127 -19.51 17.60 16.52
N ALA B 128 -18.61 17.17 15.66
CA ALA B 128 -18.50 17.74 14.31
C ALA B 128 -19.68 17.35 13.39
N GLU B 129 -20.22 16.14 13.59
CA GLU B 129 -21.38 15.65 12.83
C GLU B 129 -22.62 16.53 13.16
N LYS B 130 -22.79 16.86 14.43
CA LYS B 130 -23.88 17.74 14.86
C LYS B 130 -23.76 19.17 14.28
N ALA B 131 -22.68 19.87 14.59
CA ALA B 131 -22.42 21.19 13.99
C ALA B 131 -22.36 21.11 12.46
N GLN B 132 -22.28 19.89 11.92
CA GLN B 132 -22.33 19.69 10.48
C GLN B 132 -21.14 20.39 9.86
N ASP B 133 -19.95 20.05 10.36
CA ASP B 133 -18.74 20.75 9.97
C ASP B 133 -17.78 19.76 9.33
N GLY B 134 -17.82 19.67 8.01
CA GLY B 134 -16.89 18.82 7.28
C GLY B 134 -15.43 19.12 7.57
N GLU B 135 -15.09 20.34 7.96
CA GLU B 135 -13.70 20.65 8.20
C GLU B 135 -13.24 20.00 9.51
N THR B 136 -14.01 20.19 10.58
CA THR B 136 -13.65 19.60 11.86
C THR B 136 -13.90 18.08 11.85
N PHE B 137 -14.88 17.61 11.06
CA PHE B 137 -15.10 16.16 10.96
C PHE B 137 -13.88 15.51 10.30
N SER B 138 -13.45 16.09 9.19
CA SER B 138 -12.27 15.61 8.49
C SER B 138 -11.03 15.58 9.43
N ASN B 139 -10.82 16.66 10.18
CA ASN B 139 -9.70 16.69 11.13
C ASN B 139 -9.80 15.58 12.18
N ALA B 140 -10.98 15.44 12.76
CA ALA B 140 -11.27 14.40 13.75
C ALA B 140 -11.10 13.00 13.17
N ARG B 141 -11.51 12.81 11.91
CA ARG B 141 -11.33 11.55 11.23
C ARG B 141 -9.84 11.27 11.05
N ARG B 142 -9.06 12.26 10.61
CA ARG B 142 -7.63 12.00 10.45
CA ARG B 142 -7.60 12.14 10.47
C ARG B 142 -6.99 11.63 11.79
N HIS B 143 -7.37 12.30 12.87
CA HIS B 143 -6.85 11.96 14.18
C HIS B 143 -7.27 10.55 14.69
N PHE B 144 -8.53 10.17 14.44
CA PHE B 144 -9.03 8.83 14.73
C PHE B 144 -8.11 7.76 14.08
N TYR B 145 -7.86 7.93 12.79
CA TYR B 145 -7.06 6.97 12.06
C TYR B 145 -5.62 6.95 12.53
N ARG B 146 -5.03 8.13 12.70
CA ARG B 146 -3.63 8.23 13.16
CA ARG B 146 -3.64 8.21 13.14
C ARG B 146 -3.48 7.61 14.57
N THR B 147 -4.49 7.77 15.42
CA THR B 147 -4.46 7.19 16.78
C THR B 147 -4.44 5.64 16.69
N LEU B 148 -5.29 5.10 15.80
CA LEU B 148 -5.34 3.67 15.53
C LEU B 148 -3.98 3.24 15.05
N LEU B 149 -3.37 4.03 14.16
CA LEU B 149 -2.00 3.69 13.69
C LEU B 149 -0.99 3.64 14.80
N GLU B 150 -0.99 4.67 15.69
CA GLU B 150 -0.07 4.69 16.78
C GLU B 150 -0.29 3.52 17.74
N GLY B 152 -1.32 0.56 17.06
CA GLY B 152 -0.88 -0.68 16.49
C GLY B 152 0.60 -0.75 16.35
N ASP B 153 1.24 0.39 16.07
CA ASP B 153 2.66 0.46 15.81
C ASP B 153 3.18 -0.58 14.79
N ASN B 154 2.38 -0.87 13.79
CA ASN B 154 2.80 -1.76 12.71
C ASN B 154 3.59 -0.89 11.71
N ARG B 155 4.90 -1.04 11.68
CA ARG B 155 5.70 -0.18 10.83
C ARG B 155 5.37 -0.30 9.34
N GLU B 156 5.02 -1.49 8.88
CA GLU B 156 4.62 -1.62 7.46
C GLU B 156 3.36 -0.84 7.20
N LEU B 157 2.45 -0.80 8.16
CA LEU B 157 1.21 -0.08 7.96
C LEU B 157 1.46 1.45 8.01
N ARG B 158 2.34 1.92 8.88
CA ARG B 158 2.82 3.31 8.86
C ARG B 158 3.29 3.67 7.45
N ARG B 159 4.08 2.79 6.85
CA ARG B 159 4.62 3.05 5.52
CA ARG B 159 4.62 3.03 5.52
C ARG B 159 3.51 3.14 4.48
N LEU B 160 2.44 2.36 4.63
CA LEU B 160 1.39 2.34 3.66
C LEU B 160 0.10 3.06 4.10
N PHE B 161 0.20 3.88 5.12
CA PHE B 161 -0.93 4.53 5.75
C PHE B 161 -1.85 5.29 4.78
N PRO B 162 -1.27 5.90 3.73
CA PRO B 162 -2.16 6.63 2.80
C PRO B 162 -3.19 5.74 2.06
N THR B 163 -2.99 4.43 2.03
CA THR B 163 -3.97 3.51 1.38
C THR B 163 -5.29 3.39 2.14
N ILE B 164 -5.33 3.95 3.34
CA ILE B 164 -6.54 3.96 4.14
C ILE B 164 -7.37 5.18 3.76
N HIS B 165 -6.72 6.28 3.40
CA HIS B 165 -7.44 7.52 3.08
C HIS B 165 -7.70 7.52 1.58
N PRO B 167 -8.87 10.29 -0.72
CA PRO B 167 -9.24 11.72 -0.90
C PRO B 167 -10.03 11.99 -2.18
N ILE B 168 -9.68 11.29 -3.29
CA ILE B 168 -10.40 11.47 -4.55
C ILE B 168 -11.77 10.85 -4.39
N VAL B 169 -11.80 9.63 -3.86
CA VAL B 169 -13.09 8.98 -3.67
C VAL B 169 -13.95 9.82 -2.76
N HIS B 170 -13.38 10.35 -1.68
CA HIS B 170 -14.13 11.18 -0.76
C HIS B 170 -14.79 12.35 -1.51
N ALA B 171 -14.01 13.02 -2.35
CA ALA B 171 -14.50 14.23 -3.04
C ALA B 171 -15.48 13.83 -4.16
N GLN B 172 -15.04 12.91 -4.99
CA GLN B 172 -15.83 12.48 -6.14
C GLN B 172 -17.20 11.94 -5.76
N HIS B 173 -17.27 11.14 -4.71
CA HIS B 173 -18.56 10.53 -4.35
C HIS B 173 -19.19 11.17 -3.13
N ARG B 174 -18.89 12.46 -2.89
CA ARG B 174 -19.58 13.26 -1.89
C ARG B 174 -19.76 12.49 -0.57
N LEU B 175 -18.66 11.91 -0.07
CA LEU B 175 -18.70 11.18 1.22
C LEU B 175 -19.08 12.09 2.43
N ALA B 176 -18.84 13.40 2.33
CA ALA B 176 -19.34 14.40 3.33
C ALA B 176 -20.84 14.25 3.62
N SER B 177 -21.63 13.81 2.63
CA SER B 177 -23.08 13.66 2.77
C SER B 177 -23.56 12.48 3.63
N LEU B 178 -22.65 11.59 4.00
CA LEU B 178 -23.01 10.39 4.77
C LEU B 178 -22.37 10.38 6.17
N ARG B 179 -22.04 11.56 6.70
CA ARG B 179 -21.39 11.69 8.03
C ARG B 179 -22.07 10.91 9.14
N GLN B 180 -23.39 10.89 9.14
CA GLN B 180 -24.14 10.16 10.15
C GLN B 180 -23.76 8.67 10.14
N ARG B 182 -21.03 7.21 8.63
CA ARG B 182 -19.60 7.02 8.87
C ARG B 182 -19.35 7.11 10.39
N LEU B 183 -19.96 8.09 11.05
CA LEU B 183 -19.91 8.21 12.52
C LEU B 183 -20.24 6.89 13.23
N ASP B 184 -21.34 6.27 12.87
CA ASP B 184 -21.72 4.96 13.49
C ASP B 184 -20.63 3.90 13.30
N ASP B 185 -20.07 3.86 12.09
CA ASP B 185 -18.97 2.91 11.78
C ASP B 185 -17.75 3.20 12.67
N TYR B 186 -17.41 4.47 12.75
CA TYR B 186 -16.25 4.87 13.58
C TYR B 186 -16.44 4.49 15.05
N ARG B 187 -17.63 4.73 15.60
CA ARG B 187 -17.98 4.23 16.93
C ARG B 187 -17.77 2.76 17.09
N ARG B 188 -18.31 1.95 16.16
CA ARG B 188 -18.14 0.49 16.26
C ARG B 188 -16.68 0.06 16.23
N ILE B 189 -15.88 0.70 15.38
CA ILE B 189 -14.43 0.42 15.34
C ILE B 189 -13.78 0.72 16.68
N ALA B 190 -14.07 1.90 17.24
CA ALA B 190 -13.46 2.29 18.53
C ALA B 190 -13.85 1.29 19.62
N THR B 191 -15.15 0.98 19.69
CA THR B 191 -15.59 -0.01 20.64
C THR B 191 -14.89 -1.33 20.50
N ALA B 192 -14.74 -1.84 19.26
CA ALA B 192 -14.08 -3.14 19.02
C ALA B 192 -12.57 -3.08 19.28
N VAL B 193 -11.94 -1.97 18.91
CA VAL B 193 -10.53 -1.79 19.21
C VAL B 193 -10.25 -1.73 20.71
N LEU B 194 -11.05 -0.95 21.42
CA LEU B 194 -10.91 -0.80 22.88
C LEU B 194 -11.22 -2.11 23.62
N ALA B 195 -12.06 -2.98 23.04
CA ALA B 195 -12.36 -4.29 23.62
C ALA B 195 -11.15 -5.23 23.53
N GLY B 196 -10.23 -4.97 22.60
CA GLY B 196 -8.93 -5.64 22.61
C GLY B 196 -8.83 -6.94 21.83
N GLU B 197 -9.92 -7.42 21.26
CA GLU B 197 -9.90 -8.68 20.53
C GLU B 197 -9.72 -8.42 19.02
N PRO B 198 -8.64 -8.95 18.40
CA PRO B 198 -8.23 -8.53 17.07
C PRO B 198 -9.19 -8.88 15.92
N ASP B 199 -9.81 -10.06 15.95
CA ASP B 199 -10.70 -10.46 14.83
C ASP B 199 -11.93 -9.55 14.74
N ALA B 200 -12.49 -9.19 15.87
CA ALA B 200 -13.67 -8.35 15.88
C ALA B 200 -13.30 -6.93 15.49
N ALA B 201 -12.11 -6.48 15.88
CA ALA B 201 -11.64 -5.13 15.49
C ALA B 201 -11.43 -5.13 13.98
N GLU B 202 -10.78 -6.16 13.48
CA GLU B 202 -10.59 -6.23 12.04
C GLU B 202 -11.91 -6.25 11.29
N ALA B 203 -12.89 -7.00 11.80
CA ALA B 203 -14.19 -7.08 11.11
C ALA B 203 -14.89 -5.74 11.15
N ALA B 204 -14.77 -5.00 12.26
CA ALA B 204 -15.40 -3.67 12.34
C ALA B 204 -14.71 -2.68 11.41
N GLY B 205 -13.37 -2.78 11.32
CA GLY B 205 -12.65 -1.95 10.38
C GLY B 205 -13.08 -2.17 8.94
N ALA B 206 -13.07 -3.43 8.53
CA ALA B 206 -13.48 -3.80 7.19
C ALA B 206 -14.92 -3.36 6.94
N ALA B 207 -15.79 -3.61 7.91
CA ALA B 207 -17.22 -3.30 7.75
C ALA B 207 -17.45 -1.85 7.34
N HIS B 208 -16.63 -0.94 7.84
CA HIS B 208 -16.82 0.46 7.52
C HIS B 208 -16.67 0.70 6.01
N VAL B 209 -15.63 0.13 5.42
CA VAL B 209 -15.39 0.38 4.00
C VAL B 209 -16.41 -0.36 3.19
N LYS B 210 -16.84 -1.53 3.66
CA LYS B 210 -17.93 -2.25 3.01
C LYS B 210 -19.19 -1.35 2.94
N ASN B 211 -19.50 -0.69 4.05
CA ASN B 211 -20.68 0.19 4.13
C ASN B 211 -20.54 1.33 3.14
N VAL B 212 -19.36 1.93 3.05
CA VAL B 212 -19.11 2.98 2.07
C VAL B 212 -19.30 2.47 0.63
N ARG B 213 -18.69 1.32 0.32
CA ARG B 213 -18.89 0.71 -1.01
C ARG B 213 -20.38 0.58 -1.34
N GLY B 214 -21.16 0.01 -0.41
CA GLY B 214 -22.58 -0.23 -0.65
C GLY B 214 -23.29 1.09 -0.95
N ALA B 215 -22.98 2.10 -0.15
CA ALA B 215 -23.53 3.41 -0.34
C ALA B 215 -23.20 3.94 -1.74
N ILE B 216 -21.99 3.71 -2.21
CA ILE B 216 -21.56 4.26 -3.50
C ILE B 216 -22.28 3.54 -4.63
N LEU B 217 -22.31 2.22 -4.54
CA LEU B 217 -22.97 1.39 -5.53
C LEU B 217 -24.43 1.76 -5.75
N ASP B 218 -25.11 2.21 -4.70
CA ASP B 218 -26.53 2.58 -4.82
C ASP B 218 -26.73 3.93 -5.51
N ARG B 219 -25.69 4.77 -5.47
CA ARG B 219 -25.48 5.96 -6.33
C ARG B 219 -25.73 7.26 -5.58
#